data_9MX2
#
_entry.id   9MX2
#
_cell.length_a   140.309
_cell.length_b   140.309
_cell.length_c   78.005
_cell.angle_alpha   90.000
_cell.angle_beta   90.000
_cell.angle_gamma   90.000
#
_symmetry.space_group_name_H-M   'P 41 21 2'
#
loop_
_entity.id
_entity.type
_entity.pdbx_description
1 polymer 'G protein-coupled receptor kinase 5'
2 non-polymer SANGIVAMYCIN
3 non-polymer 'POTASSIUM ION'
#
_entity_poly.entity_id   1
_entity_poly.type   'polypeptide(L)'
_entity_poly.pdbx_seq_one_letter_code
;(ACE)MELENIVANTVLLKAREGGGGKRKGKSKKWKEILKFPHISQCEDLRRTIDRDYCSLCDKQPIGRLLFRQFCETRP
GLECYIQFLDSVAEYEVTPDEKLGEKGKEIMTKYLTPKSPVFIAQVGQDLVSQTEEKLLQKPCKELFSACAQSVHEYLRG
EPFHEYLDSMFFDRFLQWKWLERQPVTKNTFRQYRVLGKGGFGEVCACQVRATGKMYACKRLEKKRIKKRKGESMALNEK
QILEKVNSQFVVNLAYAYETKDALCLVLTIMNGGDLKFHIYNMGNPGFEEERALFYAAEILCGLEDLHRENTVYRNLKPE
NILLDDYGHIRISDLGLAVKIPEGDLIRGRVGTVGYMAPEVLNNQRYGLSPDYWGLGCLIYEMIEGQSPFRGRKEKVKRE
EVDRRVLETEEVYSHKFSEEAKSICKMLLTKDAKQRLGCQEEGAAEVKRHPFFRNMNFKRLEAGMLDPPFVPDPRAVYCK
DVLDIEQFSTVKGVNLDHTDDDFYSKFSTGSVSIPWQNEMIETECFKELNVFGPNGTLPPDLNRNHPPEPPKKGLLQRLF
KRQHQNNSKSSPSSKTSFNHHINSNHVSSNSTGSSVDHHHHHH
;
_entity_poly.pdbx_strand_id   A
#
loop_
_chem_comp.id
_chem_comp.type
_chem_comp.name
_chem_comp.formula
ACE non-polymer 'ACETYL GROUP' 'C2 H4 O'
K non-polymer 'POTASSIUM ION' 'K 1'
SGV non-polymer SANGIVAMYCIN 'C12 H15 N5 O5'
#
# COMPACT_ATOMS: atom_id res chain seq x y z
C ACE A 1 11.57 -12.59 33.71
O ACE A 1 11.58 -13.16 34.81
CH3 ACE A 1 10.26 -12.19 33.05
H1 ACE A 1 10.26 -11.11 32.89
H2 ACE A 1 10.17 -12.69 32.09
H3 ACE A 1 9.43 -12.47 33.70
N MET A 2 12.71 -12.17 33.14
CA MET A 2 12.82 -11.52 31.83
C MET A 2 14.04 -12.09 31.12
N GLU A 3 13.87 -12.64 29.93
CA GLU A 3 14.99 -13.10 29.13
C GLU A 3 15.65 -11.91 28.44
N LEU A 4 16.98 -11.80 28.59
CA LEU A 4 17.72 -10.78 27.86
C LEU A 4 17.59 -10.95 26.35
N GLU A 5 17.43 -12.18 25.86
CA GLU A 5 17.21 -12.41 24.44
C GLU A 5 16.01 -11.63 23.94
N ASN A 6 15.03 -11.39 24.81
CA ASN A 6 13.88 -10.55 24.44
C ASN A 6 14.14 -9.05 24.57
N ILE A 7 14.80 -8.64 25.65
CA ILE A 7 15.08 -7.22 25.83
C ILE A 7 15.92 -6.73 24.67
N VAL A 8 17.04 -7.40 24.43
CA VAL A 8 17.97 -6.98 23.38
C VAL A 8 17.26 -6.93 22.03
N ALA A 9 16.49 -7.97 21.70
CA ALA A 9 15.85 -8.01 20.39
C ALA A 9 14.98 -6.79 20.17
N ASN A 10 14.32 -6.32 21.23
CA ASN A 10 13.37 -5.22 21.08
C ASN A 10 14.05 -3.87 21.09
N THR A 11 14.99 -3.67 22.01
CA THR A 11 15.65 -2.37 22.11
C THR A 11 16.49 -2.09 20.87
N VAL A 12 17.00 -3.14 20.22
CA VAL A 12 17.74 -2.96 18.98
C VAL A 12 16.83 -2.42 17.89
N LEU A 13 15.67 -3.06 17.72
CA LEU A 13 14.71 -2.63 16.72
C LEU A 13 14.31 -1.17 16.93
N LEU A 14 14.14 -0.77 18.19
CA LEU A 14 13.63 0.57 18.47
C LEU A 14 14.64 1.65 18.10
N LYS A 15 15.92 1.42 18.37
CA LYS A 15 16.91 2.39 17.91
C LYS A 15 16.81 2.59 16.41
N ALA A 16 16.72 1.51 15.64
CA ALA A 16 16.68 1.64 14.19
C ALA A 16 15.43 2.39 13.74
N ARG A 17 14.30 2.17 14.44
CA ARG A 17 13.05 2.78 14.01
C ARG A 17 13.14 4.29 13.99
N GLU A 18 13.87 4.88 14.94
CA GLU A 18 14.11 6.33 14.90
C GLU A 18 14.91 6.73 13.64
N LYS A 23 21.74 9.62 14.77
CA LYS A 23 22.02 10.49 13.63
C LYS A 23 21.85 9.71 12.32
N ARG A 24 21.82 10.46 11.22
CA ARG A 24 21.67 9.91 9.88
C ARG A 24 20.36 9.19 9.66
N LYS A 25 19.40 9.29 10.58
CA LYS A 25 18.13 8.59 10.43
C LYS A 25 18.34 7.11 10.16
N GLY A 26 19.50 6.59 10.57
CA GLY A 26 19.84 5.19 10.40
C GLY A 26 20.56 4.84 9.12
N LYS A 27 20.96 5.83 8.34
CA LYS A 27 21.59 5.54 7.07
C LYS A 27 22.95 4.89 7.31
N SER A 28 23.48 4.27 6.25
CA SER A 28 24.88 3.85 6.24
C SER A 28 25.81 5.05 6.04
N LYS A 29 27.09 4.83 6.35
CA LYS A 29 28.03 5.95 6.36
C LYS A 29 28.44 6.34 4.94
N LYS A 30 28.56 5.37 4.04
CA LYS A 30 28.97 5.66 2.66
C LYS A 30 27.79 5.70 1.70
N TRP A 31 26.66 6.30 2.09
CA TRP A 31 25.50 6.30 1.22
C TRP A 31 25.70 7.18 0.00
N LYS A 32 26.46 8.28 0.15
CA LYS A 32 26.68 9.19 -0.97
C LYS A 32 27.46 8.49 -2.07
N GLU A 33 28.30 7.51 -1.70
CA GLU A 33 29.08 6.80 -2.70
C GLU A 33 28.30 5.63 -3.27
N ILE A 34 27.58 4.92 -2.41
CA ILE A 34 26.72 3.84 -2.89
C ILE A 34 25.75 4.36 -3.94
N LEU A 35 25.12 5.50 -3.68
CA LEU A 35 24.11 6.06 -4.56
C LEU A 35 24.65 7.17 -5.44
N LYS A 36 25.95 7.16 -5.72
CA LYS A 36 26.54 8.18 -6.57
C LYS A 36 26.02 8.05 -7.99
N PHE A 37 25.65 9.18 -8.59
CA PHE A 37 25.17 9.17 -9.97
C PHE A 37 26.27 8.65 -10.90
N PRO A 38 25.95 7.85 -11.90
CA PRO A 38 26.92 7.57 -12.95
C PRO A 38 27.04 8.77 -13.89
N HIS A 39 28.14 8.79 -14.65
CA HIS A 39 28.23 9.80 -15.70
C HIS A 39 27.17 9.49 -16.73
N ILE A 40 26.53 10.55 -17.25
CA ILE A 40 25.43 10.37 -18.18
C ILE A 40 25.83 9.45 -19.33
N SER A 41 27.12 9.42 -19.67
CA SER A 41 27.57 8.59 -20.78
C SER A 41 27.33 7.10 -20.56
N GLN A 42 27.08 6.71 -19.32
CA GLN A 42 26.87 5.30 -19.00
C GLN A 42 25.44 4.86 -19.24
N CYS A 43 24.52 5.80 -19.50
CA CYS A 43 23.10 5.53 -19.50
C CYS A 43 22.53 5.42 -20.91
N GLU A 44 23.32 4.95 -21.86
CA GLU A 44 22.82 4.88 -23.23
C GLU A 44 21.84 3.74 -23.40
N ASP A 45 22.02 2.63 -22.68
CA ASP A 45 21.00 1.59 -22.75
C ASP A 45 19.68 2.08 -22.17
N LEU A 46 19.73 2.76 -21.02
CA LEU A 46 18.52 3.34 -20.44
C LEU A 46 17.96 4.46 -21.31
N ARG A 47 18.81 5.22 -21.99
CA ARG A 47 18.30 6.28 -22.86
C ARG A 47 17.40 5.69 -23.93
N ARG A 48 17.68 4.47 -24.39
CA ARG A 48 16.90 3.86 -25.44
C ARG A 48 15.73 3.06 -24.90
N THR A 49 15.95 2.28 -23.83
CA THR A 49 14.91 1.34 -23.41
C THR A 49 13.75 2.03 -22.72
N ILE A 50 14.00 3.16 -22.07
CA ILE A 50 12.96 3.82 -21.31
C ILE A 50 11.80 4.19 -22.22
N ASP A 51 10.58 3.83 -21.79
CA ASP A 51 9.38 4.16 -22.55
C ASP A 51 8.97 5.60 -22.28
N ARG A 52 8.73 6.36 -23.35
CA ARG A 52 8.60 7.82 -23.27
C ARG A 52 7.13 8.18 -23.09
N ASP A 53 6.69 8.10 -21.84
CA ASP A 53 5.32 8.40 -21.45
C ASP A 53 5.31 9.58 -20.49
N TYR A 54 4.45 10.56 -20.76
CA TYR A 54 4.36 11.75 -19.92
C TYR A 54 3.97 11.40 -18.49
N CYS A 55 2.80 10.77 -18.32
CA CYS A 55 2.35 10.43 -16.97
C CYS A 55 3.38 9.62 -16.20
N SER A 56 3.95 8.59 -16.83
CA SER A 56 4.96 7.77 -16.16
C SER A 56 6.18 8.61 -15.81
N LEU A 57 6.81 9.22 -16.82
CA LEU A 57 8.08 9.92 -16.60
C LEU A 57 7.90 11.28 -15.94
N CYS A 58 6.72 11.88 -16.03
CA CYS A 58 6.52 13.23 -15.49
C CYS A 58 5.44 13.30 -14.42
N ASP A 59 4.94 12.16 -13.95
CA ASP A 59 3.87 12.18 -12.96
C ASP A 59 3.90 10.93 -12.09
N LYS A 60 3.63 9.78 -12.68
CA LYS A 60 3.49 8.56 -11.88
C LYS A 60 4.79 8.22 -11.16
N GLN A 61 5.91 8.25 -11.86
CA GLN A 61 7.20 8.03 -11.20
C GLN A 61 7.60 9.29 -10.45
N PRO A 62 7.60 9.25 -9.12
CA PRO A 62 7.78 10.49 -8.34
C PRO A 62 8.99 11.30 -8.76
N ILE A 63 10.17 10.68 -8.76
CA ILE A 63 11.37 11.42 -9.12
C ILE A 63 11.26 12.01 -10.51
N GLY A 64 10.74 11.26 -11.48
CA GLY A 64 10.43 11.86 -12.77
C GLY A 64 9.53 13.05 -12.63
N ARG A 65 8.49 12.92 -11.82
CA ARG A 65 7.58 14.03 -11.57
C ARG A 65 8.30 15.25 -11.03
N LEU A 66 9.12 15.05 -10.00
CA LEU A 66 9.72 16.20 -9.33
C LEU A 66 10.76 16.86 -10.21
N LEU A 67 11.51 16.06 -10.98
CA LEU A 67 12.49 16.64 -11.89
C LEU A 67 11.82 17.43 -13.01
N PHE A 68 10.69 16.95 -13.51
CA PHE A 68 9.92 17.71 -14.49
C PHE A 68 9.44 19.03 -13.91
N ARG A 69 8.91 19.01 -12.68
CA ARG A 69 8.44 20.24 -12.04
C ARG A 69 9.57 21.24 -11.89
N GLN A 70 10.71 20.78 -11.36
CA GLN A 70 11.88 21.64 -11.23
C GLN A 70 12.32 22.16 -12.59
N PHE A 71 12.05 21.38 -13.64
CA PHE A 71 12.31 21.82 -15.00
C PHE A 71 11.29 22.86 -15.45
N CYS A 72 10.03 22.67 -15.07
CA CYS A 72 9.02 23.66 -15.40
C CYS A 72 9.28 24.98 -14.69
N GLU A 73 9.92 24.94 -13.52
CA GLU A 73 10.26 26.18 -12.83
C GLU A 73 11.26 27.03 -13.60
N THR A 74 11.90 26.48 -14.63
CA THR A 74 12.84 27.28 -15.41
C THR A 74 12.10 28.15 -16.42
N ARG A 75 11.12 27.58 -17.12
CA ARG A 75 10.30 28.35 -18.04
C ARG A 75 9.17 29.02 -17.28
N PRO A 76 9.15 30.36 -17.18
CA PRO A 76 8.04 31.02 -16.48
C PRO A 76 6.70 30.66 -17.08
N GLY A 77 6.65 30.40 -18.39
CA GLY A 77 5.41 30.08 -19.04
C GLY A 77 4.84 28.72 -18.68
N LEU A 78 5.64 27.88 -18.03
CA LEU A 78 5.17 26.58 -17.58
C LEU A 78 5.00 26.46 -16.07
N GLU A 79 5.76 27.24 -15.29
CA GLU A 79 5.63 27.16 -13.83
C GLU A 79 4.21 27.50 -13.40
N CYS A 80 3.52 28.33 -14.18
CA CYS A 80 2.14 28.68 -13.83
C CYS A 80 1.21 27.49 -13.99
N TYR A 81 1.29 26.76 -15.11
CA TYR A 81 0.49 25.56 -15.29
C TYR A 81 0.71 24.59 -14.14
N ILE A 82 1.96 24.44 -13.72
CA ILE A 82 2.28 23.61 -12.56
C ILE A 82 1.62 24.17 -11.30
N GLN A 83 1.60 25.50 -11.15
CA GLN A 83 0.95 26.08 -9.98
C GLN A 83 -0.56 26.01 -10.12
N PHE A 84 -1.07 25.98 -11.35
CA PHE A 84 -2.50 25.85 -11.58
C PHE A 84 -3.00 24.47 -11.16
N LEU A 85 -2.49 23.41 -11.81
CA LEU A 85 -2.80 22.05 -11.37
C LEU A 85 -2.56 21.88 -9.87
N ASP A 86 -1.56 22.57 -9.32
CA ASP A 86 -1.39 22.61 -7.87
C ASP A 86 -2.57 23.26 -7.17
N SER A 87 -2.96 24.47 -7.62
CA SER A 87 -4.13 25.12 -7.03
C SER A 87 -5.38 24.24 -7.13
N VAL A 88 -5.56 23.58 -8.29
CA VAL A 88 -6.68 22.65 -8.45
C VAL A 88 -6.63 21.55 -7.40
N ALA A 89 -5.44 21.00 -7.14
CA ALA A 89 -5.30 20.05 -6.05
C ALA A 89 -5.90 20.61 -4.77
N GLU A 90 -5.56 21.86 -4.43
CA GLU A 90 -6.13 22.49 -3.23
C GLU A 90 -7.65 22.52 -3.30
N TYR A 91 -8.18 23.03 -4.42
CA TYR A 91 -9.64 23.11 -4.58
C TYR A 91 -10.28 21.74 -4.46
N GLU A 92 -9.63 20.69 -4.95
CA GLU A 92 -10.19 19.35 -4.91
C GLU A 92 -10.18 18.73 -3.52
N VAL A 93 -9.57 19.39 -2.54
CA VAL A 93 -9.58 18.91 -1.16
C VAL A 93 -10.12 19.99 -0.23
N THR A 94 -10.65 21.08 -0.82
CA THR A 94 -11.30 22.07 0.04
C THR A 94 -12.70 21.58 0.44
N PRO A 95 -13.18 21.98 1.62
CA PRO A 95 -14.46 21.44 2.10
C PRO A 95 -15.61 21.88 1.20
N ASP A 96 -16.64 21.02 1.12
CA ASP A 96 -17.86 21.39 0.42
C ASP A 96 -18.38 22.75 0.89
N GLU A 97 -18.05 23.15 2.12
CA GLU A 97 -18.49 24.43 2.66
C GLU A 97 -17.80 25.58 1.97
N LYS A 98 -16.47 25.51 1.86
CA LYS A 98 -15.69 26.58 1.24
C LYS A 98 -15.30 26.25 -0.20
N LEU A 99 -15.95 25.28 -0.84
CA LEU A 99 -15.63 24.97 -2.24
C LEU A 99 -15.89 26.18 -3.12
N GLY A 100 -17.04 26.83 -2.94
CA GLY A 100 -17.36 27.99 -3.73
C GLY A 100 -16.32 29.08 -3.62
N GLU A 101 -15.87 29.39 -2.40
CA GLU A 101 -14.87 30.43 -2.24
C GLU A 101 -13.56 30.01 -2.90
N LYS A 102 -12.95 28.92 -2.43
CA LYS A 102 -11.66 28.56 -3.01
C LYS A 102 -11.77 28.44 -4.53
N GLY A 103 -12.93 28.02 -5.05
CA GLY A 103 -13.21 28.12 -6.47
C GLY A 103 -13.05 29.53 -7.02
N LYS A 104 -13.13 30.55 -6.15
CA LYS A 104 -13.11 31.93 -6.60
C LYS A 104 -11.70 32.48 -6.76
N GLU A 105 -10.80 32.13 -5.84
CA GLU A 105 -9.43 32.59 -5.97
C GLU A 105 -8.79 32.04 -7.23
N ILE A 106 -8.96 30.74 -7.47
CA ILE A 106 -8.43 30.12 -8.68
C ILE A 106 -8.94 30.86 -9.92
N MET A 107 -10.23 31.20 -9.94
CA MET A 107 -10.83 31.75 -11.14
C MET A 107 -10.26 33.12 -11.46
N THR A 108 -10.09 33.95 -10.45
CA THR A 108 -9.55 35.29 -10.62
C THR A 108 -8.05 35.29 -10.86
N LYS A 109 -7.43 34.11 -10.88
CA LYS A 109 -5.98 33.97 -10.89
C LYS A 109 -5.44 33.32 -12.16
N TYR A 110 -6.28 32.57 -12.87
CA TYR A 110 -5.83 31.80 -14.01
C TYR A 110 -6.65 32.03 -15.26
N LEU A 111 -7.76 32.77 -15.18
CA LEU A 111 -8.72 32.83 -16.26
C LEU A 111 -8.93 34.21 -16.86
N THR A 112 -8.74 35.28 -16.10
CA THR A 112 -8.81 36.62 -16.68
C THR A 112 -7.66 36.79 -17.66
N PRO A 113 -7.91 37.36 -18.84
CA PRO A 113 -6.79 37.59 -19.77
C PRO A 113 -5.66 38.37 -19.13
N LYS A 114 -5.95 39.20 -18.14
CA LYS A 114 -4.94 39.94 -17.38
C LYS A 114 -4.60 39.30 -16.04
N SER A 115 -5.07 38.08 -15.77
CA SER A 115 -4.68 37.43 -14.53
C SER A 115 -3.15 37.39 -14.44
N PRO A 116 -2.57 37.50 -13.24
CA PRO A 116 -1.11 37.43 -13.16
C PRO A 116 -0.56 36.09 -13.62
N VAL A 117 -1.26 35.00 -13.33
CA VAL A 117 -0.86 33.65 -13.72
C VAL A 117 -1.79 33.18 -14.84
N PHE A 118 -2.17 34.10 -15.73
CA PHE A 118 -3.06 33.75 -16.82
C PHE A 118 -2.46 32.63 -17.65
N ILE A 119 -3.23 31.56 -17.82
CA ILE A 119 -2.85 30.43 -18.67
C ILE A 119 -3.80 30.47 -19.87
N ALA A 120 -3.24 30.57 -21.07
CA ALA A 120 -4.04 30.73 -22.26
C ALA A 120 -4.32 29.43 -23.00
N GLN A 121 -3.61 28.35 -22.66
CA GLN A 121 -3.70 27.08 -23.36
C GLN A 121 -4.92 26.25 -22.99
N VAL A 122 -5.81 26.74 -22.15
CA VAL A 122 -6.95 25.91 -21.77
C VAL A 122 -8.03 25.95 -22.83
N GLY A 123 -8.46 27.14 -23.23
CA GLY A 123 -9.59 27.27 -24.11
C GLY A 123 -10.61 28.25 -23.58
N GLN A 124 -10.82 29.36 -24.31
CA GLN A 124 -11.72 30.41 -23.86
C GLN A 124 -13.16 29.94 -23.73
N ASP A 125 -13.50 28.80 -24.34
CA ASP A 125 -14.84 28.25 -24.14
C ASP A 125 -14.97 27.61 -22.76
N LEU A 126 -13.95 26.88 -22.32
CA LEU A 126 -14.05 26.15 -21.07
C LEU A 126 -14.10 27.09 -19.88
N VAL A 127 -13.35 28.21 -19.94
CA VAL A 127 -13.39 29.15 -18.83
C VAL A 127 -14.82 29.60 -18.57
N SER A 128 -15.59 29.85 -19.64
CA SER A 128 -16.95 30.32 -19.45
C SER A 128 -17.87 29.19 -19.01
N GLN A 129 -17.72 28.01 -19.60
CA GLN A 129 -18.52 26.87 -19.16
C GLN A 129 -18.31 26.58 -17.69
N THR A 130 -17.05 26.58 -17.26
CA THR A 130 -16.71 26.35 -15.86
C THR A 130 -17.01 27.56 -15.00
N GLU A 131 -16.98 28.77 -15.56
CA GLU A 131 -17.37 29.95 -14.79
C GLU A 131 -18.84 29.90 -14.40
N GLU A 132 -19.73 29.60 -15.34
CA GLU A 132 -21.15 29.47 -15.01
C GLU A 132 -21.38 28.35 -13.99
N LYS A 133 -20.66 27.24 -14.12
CA LYS A 133 -20.80 26.16 -13.14
C LYS A 133 -20.39 26.61 -11.74
N LEU A 134 -19.42 27.50 -11.62
CA LEU A 134 -19.05 28.00 -10.31
C LEU A 134 -20.05 29.02 -9.77
N LEU A 135 -20.55 29.91 -10.65
CA LEU A 135 -21.63 30.82 -10.26
C LEU A 135 -22.88 30.06 -9.86
N GLN A 136 -23.20 28.97 -10.58
CA GLN A 136 -24.30 28.11 -10.16
C GLN A 136 -23.97 27.43 -8.82
N LYS A 137 -23.09 26.42 -8.82
CA LYS A 137 -22.74 25.75 -7.56
C LYS A 137 -21.38 25.07 -7.63
N PRO A 138 -20.64 24.99 -6.52
CA PRO A 138 -19.29 24.42 -6.63
C PRO A 138 -19.25 22.91 -6.41
N CYS A 139 -18.33 22.26 -7.14
CA CYS A 139 -18.06 20.83 -7.05
C CYS A 139 -16.56 20.59 -7.16
N LYS A 140 -16.02 19.69 -6.34
CA LYS A 140 -14.58 19.43 -6.37
C LYS A 140 -14.09 19.00 -7.76
N GLU A 141 -14.97 18.40 -8.57
CA GLU A 141 -14.67 18.00 -9.94
C GLU A 141 -15.04 19.08 -10.94
N LEU A 142 -15.06 20.35 -10.49
CA LEU A 142 -15.39 21.46 -11.38
C LEU A 142 -14.31 21.68 -12.43
N PHE A 143 -13.06 21.82 -12.00
CA PHE A 143 -11.92 22.03 -12.88
C PHE A 143 -11.35 20.73 -13.44
N SER A 144 -12.09 19.63 -13.36
CA SER A 144 -11.60 18.35 -13.88
C SER A 144 -11.28 18.48 -15.36
N ALA A 145 -12.16 19.11 -16.12
CA ALA A 145 -11.92 19.28 -17.55
C ALA A 145 -10.81 20.28 -17.82
N CYS A 146 -10.76 21.35 -17.04
CA CYS A 146 -9.69 22.34 -17.19
C CYS A 146 -8.32 21.68 -16.99
N ALA A 147 -8.11 21.06 -15.84
CA ALA A 147 -6.84 20.37 -15.59
C ALA A 147 -6.55 19.33 -16.66
N GLN A 148 -7.58 18.66 -17.18
CA GLN A 148 -7.35 17.75 -18.30
C GLN A 148 -6.86 18.52 -19.52
N SER A 149 -7.50 19.64 -19.84
CA SER A 149 -7.08 20.45 -20.98
C SER A 149 -5.63 20.89 -20.84
N VAL A 150 -5.19 21.17 -19.62
CA VAL A 150 -3.79 21.54 -19.43
C VAL A 150 -2.89 20.34 -19.67
N HIS A 151 -3.25 19.17 -19.13
CA HIS A 151 -2.44 17.99 -19.32
C HIS A 151 -2.32 17.62 -20.79
N GLU A 152 -3.29 18.02 -21.60
CA GLU A 152 -3.17 17.81 -23.04
C GLU A 152 -2.06 18.66 -23.64
N TYR A 153 -1.80 19.83 -23.03
CA TYR A 153 -0.77 20.73 -23.55
C TYR A 153 0.61 20.41 -22.98
N LEU A 154 0.68 20.15 -21.67
CA LEU A 154 1.98 19.85 -21.08
C LEU A 154 2.59 18.60 -21.68
N ARG A 155 1.77 17.60 -21.98
CA ARG A 155 2.23 16.38 -22.63
C ARG A 155 2.69 16.57 -24.06
N GLY A 156 2.50 17.75 -24.63
CA GLY A 156 2.86 17.98 -26.03
C GLY A 156 4.23 18.57 -26.14
N GLU A 157 4.32 19.87 -26.43
CA GLU A 157 5.62 20.51 -26.53
C GLU A 157 6.39 20.48 -25.21
N PRO A 158 5.81 20.89 -24.07
CA PRO A 158 6.60 20.89 -22.83
C PRO A 158 7.21 19.55 -22.49
N PHE A 159 6.52 18.45 -22.80
CA PHE A 159 7.05 17.13 -22.44
C PHE A 159 8.35 16.84 -23.18
N HIS A 160 8.36 17.08 -24.48
CA HIS A 160 9.56 16.76 -25.26
C HIS A 160 10.70 17.71 -24.93
N GLU A 161 10.38 18.92 -24.45
CA GLU A 161 11.39 19.86 -24.00
C GLU A 161 12.08 19.37 -22.72
N TYR A 162 11.32 18.76 -21.80
CA TYR A 162 11.95 18.13 -20.64
C TYR A 162 12.88 17.01 -21.07
N LEU A 163 12.47 16.20 -22.04
CA LEU A 163 13.29 15.07 -22.47
C LEU A 163 14.62 15.50 -23.07
N ASP A 164 14.72 16.74 -23.55
CA ASP A 164 15.93 17.22 -24.19
C ASP A 164 16.88 17.89 -23.20
N SER A 165 16.40 18.21 -22.01
CA SER A 165 17.18 19.03 -21.09
C SER A 165 18.04 18.16 -20.18
N MET A 166 18.82 18.82 -19.33
CA MET A 166 19.64 18.11 -18.35
C MET A 166 18.79 17.44 -17.28
N PHE A 167 17.52 17.83 -17.14
CA PHE A 167 16.68 17.24 -16.11
C PHE A 167 16.27 15.83 -16.46
N PHE A 168 15.92 15.58 -17.72
CA PHE A 168 15.61 14.20 -18.08
C PHE A 168 16.87 13.37 -18.17
N ASP A 169 17.95 13.95 -18.69
CA ASP A 169 19.24 13.28 -18.60
C ASP A 169 19.50 12.87 -17.15
N ARG A 170 19.23 13.78 -16.21
CA ARG A 170 19.42 13.47 -14.79
C ARG A 170 18.49 12.34 -14.36
N PHE A 171 17.29 12.29 -14.91
CA PHE A 171 16.36 11.23 -14.52
C PHE A 171 16.90 9.87 -14.93
N LEU A 172 17.59 9.80 -16.07
CA LEU A 172 18.20 8.55 -16.49
C LEU A 172 19.21 8.06 -15.45
N GLN A 173 19.99 8.98 -14.90
CA GLN A 173 20.94 8.64 -13.84
C GLN A 173 20.22 7.99 -12.67
N TRP A 174 19.12 8.60 -12.23
CA TRP A 174 18.33 8.03 -11.15
C TRP A 174 17.82 6.64 -11.51
N LYS A 175 17.30 6.48 -12.73
CA LYS A 175 16.81 5.17 -13.16
C LYS A 175 17.94 4.14 -13.19
N TRP A 176 19.16 4.57 -13.50
CA TRP A 176 20.32 3.69 -13.40
C TRP A 176 20.46 3.14 -11.98
N LEU A 177 20.27 4.00 -10.97
CA LEU A 177 20.31 3.54 -9.58
C LEU A 177 19.14 2.61 -9.29
N GLU A 178 17.95 2.95 -9.77
CA GLU A 178 16.78 2.09 -9.55
C GLU A 178 17.04 0.68 -10.06
N ARG A 179 17.73 0.56 -11.19
CA ARG A 179 18.03 -0.72 -11.82
C ARG A 179 19.03 -1.56 -11.04
N GLN A 180 19.76 -0.95 -10.12
CA GLN A 180 20.84 -1.64 -9.44
C GLN A 180 20.36 -2.92 -8.76
N PRO A 181 21.20 -3.95 -8.70
CA PRO A 181 20.79 -5.21 -8.09
C PRO A 181 20.58 -5.04 -6.59
N VAL A 182 19.72 -5.91 -6.05
CA VAL A 182 19.40 -5.95 -4.64
C VAL A 182 19.88 -7.29 -4.10
N THR A 183 20.56 -7.24 -2.96
CA THR A 183 21.09 -8.42 -2.30
C THR A 183 20.85 -8.28 -0.81
N LYS A 184 21.14 -9.35 -0.08
CA LYS A 184 21.07 -9.29 1.37
C LYS A 184 21.80 -8.06 1.89
N ASN A 185 22.90 -7.68 1.22
CA ASN A 185 23.70 -6.55 1.70
C ASN A 185 22.87 -5.30 1.76
N THR A 186 22.03 -5.07 0.75
CA THR A 186 21.31 -3.81 0.72
C THR A 186 20.63 -3.53 2.06
N PHE A 187 20.19 -4.58 2.76
CA PHE A 187 19.45 -4.44 4.00
C PHE A 187 20.24 -5.01 5.18
N ARG A 188 19.80 -4.64 6.38
CA ARG A 188 20.26 -5.23 7.62
C ARG A 188 19.06 -5.82 8.34
N GLN A 189 19.16 -7.07 8.79
CA GLN A 189 18.03 -7.77 9.40
C GLN A 189 17.95 -7.44 10.88
N TYR A 190 16.72 -7.34 11.38
CA TYR A 190 16.50 -7.05 12.79
C TYR A 190 15.70 -8.18 13.42
N ARG A 191 15.09 -7.92 14.57
CA ARG A 191 14.32 -8.94 15.25
C ARG A 191 13.24 -9.52 14.33
N VAL A 192 12.90 -10.77 14.61
CA VAL A 192 11.78 -11.39 13.91
C VAL A 192 10.48 -10.75 14.37
N LEU A 193 9.58 -10.48 13.43
CA LEU A 193 8.30 -9.87 13.72
C LEU A 193 7.13 -10.84 13.67
N GLY A 194 7.31 -12.00 13.04
CA GLY A 194 6.23 -12.96 12.98
C GLY A 194 6.53 -14.15 12.09
N LYS A 195 5.91 -15.28 12.42
CA LYS A 195 5.91 -16.44 11.55
C LYS A 195 4.66 -16.44 10.68
N GLY A 196 4.80 -16.95 9.46
CA GLY A 196 3.67 -17.03 8.57
C GLY A 196 4.04 -17.55 7.20
N GLY A 197 3.20 -18.42 6.67
CA GLY A 197 3.46 -18.97 5.35
C GLY A 197 4.70 -19.84 5.36
N PHE A 198 5.61 -19.58 4.42
CA PHE A 198 6.80 -20.41 4.25
C PHE A 198 8.02 -19.88 4.98
N GLY A 199 7.91 -18.78 5.69
CA GLY A 199 9.07 -18.18 6.32
C GLY A 199 8.69 -17.28 7.46
N GLU A 200 9.50 -16.26 7.69
CA GLU A 200 9.25 -15.34 8.78
C GLU A 200 9.23 -13.90 8.28
N VAL A 201 8.54 -13.05 9.03
CA VAL A 201 8.49 -11.62 8.78
C VAL A 201 9.44 -10.95 9.76
N CYS A 202 10.34 -10.10 9.26
CA CYS A 202 11.38 -9.45 10.05
C CYS A 202 11.38 -7.95 9.82
N ALA A 203 11.70 -7.18 10.86
CA ALA A 203 12.14 -5.81 10.64
C ALA A 203 13.54 -5.84 10.00
N CYS A 204 13.73 -5.02 8.96
CA CYS A 204 15.06 -4.81 8.36
C CYS A 204 15.12 -3.37 7.90
N GLN A 205 16.31 -2.95 7.48
CA GLN A 205 16.57 -1.55 7.19
C GLN A 205 17.59 -1.48 6.07
N VAL A 206 17.27 -0.68 5.04
CA VAL A 206 18.21 -0.48 3.95
C VAL A 206 19.42 0.27 4.48
N ARG A 207 20.60 -0.33 4.31
CA ARG A 207 21.81 0.30 4.81
C ARG A 207 22.01 1.68 4.16
N ALA A 208 21.78 1.77 2.85
CA ALA A 208 22.07 3.01 2.13
C ALA A 208 21.11 4.13 2.53
N THR A 209 19.83 3.82 2.66
CA THR A 209 18.80 4.82 2.89
C THR A 209 18.35 4.87 4.34
N GLY A 210 18.41 3.75 5.04
CA GLY A 210 17.95 3.67 6.40
C GLY A 210 16.45 3.50 6.54
N LYS A 211 15.72 3.36 5.44
CA LYS A 211 14.27 3.20 5.53
C LYS A 211 13.94 1.82 6.09
N MET A 212 12.95 1.79 6.99
CA MET A 212 12.53 0.56 7.63
C MET A 212 11.52 -0.17 6.77
N TYR A 213 11.66 -1.49 6.68
CA TYR A 213 10.69 -2.32 5.98
C TYR A 213 10.42 -3.56 6.83
N ALA A 214 9.53 -4.41 6.33
CA ALA A 214 9.32 -5.76 6.84
C ALA A 214 9.70 -6.75 5.75
N CYS A 215 10.50 -7.74 6.09
CA CYS A 215 11.05 -8.68 5.11
C CYS A 215 10.32 -9.99 5.26
N LYS A 216 9.35 -10.26 4.38
CA LYS A 216 8.62 -11.52 4.42
C LYS A 216 9.46 -12.56 3.70
N ARG A 217 10.14 -13.40 4.46
CA ARG A 217 10.99 -14.42 3.88
C ARG A 217 10.16 -15.60 3.39
N LEU A 218 10.53 -16.14 2.23
CA LEU A 218 9.89 -17.33 1.68
C LEU A 218 10.98 -18.38 1.52
N GLU A 219 11.07 -19.28 2.49
CA GLU A 219 12.14 -20.27 2.51
C GLU A 219 11.99 -21.22 1.35
N LYS A 220 13.06 -21.34 0.56
CA LYS A 220 13.00 -22.13 -0.66
C LYS A 220 12.61 -23.57 -0.37
N LYS A 221 13.28 -24.19 0.60
CA LYS A 221 13.02 -25.60 0.89
C LYS A 221 11.56 -25.84 1.25
N ARG A 222 10.91 -24.87 1.89
CA ARG A 222 9.52 -25.04 2.27
C ARG A 222 8.58 -24.93 1.08
N ILE A 223 8.91 -24.08 0.11
CA ILE A 223 8.11 -23.97 -1.11
C ILE A 223 8.15 -25.29 -1.86
N LYS A 224 9.35 -25.83 -2.07
CA LYS A 224 9.49 -27.10 -2.77
C LYS A 224 8.72 -28.21 -2.05
N LYS A 225 8.78 -28.21 -0.73
CA LYS A 225 8.21 -29.32 0.02
C LYS A 225 6.69 -29.29 0.04
N ARG A 226 6.07 -28.13 -0.21
CA ARG A 226 4.63 -28.04 -0.16
C ARG A 226 4.00 -27.72 -1.51
N LYS A 227 4.77 -27.75 -2.61
CA LYS A 227 4.23 -27.41 -3.93
C LYS A 227 3.56 -26.03 -3.91
N GLY A 228 3.96 -25.18 -2.98
CA GLY A 228 3.38 -23.85 -2.89
C GLY A 228 4.09 -22.85 -3.77
N GLU A 229 4.72 -23.35 -4.84
CA GLU A 229 5.46 -22.48 -5.75
C GLU A 229 4.54 -21.39 -6.30
N SER A 230 3.43 -21.80 -6.89
CA SER A 230 2.48 -20.84 -7.45
C SER A 230 1.90 -19.94 -6.38
N MET A 231 1.76 -20.43 -5.14
CA MET A 231 1.19 -19.62 -4.08
C MET A 231 2.15 -18.50 -3.68
N ALA A 232 3.43 -18.82 -3.57
CA ALA A 232 4.42 -17.79 -3.25
C ALA A 232 4.52 -16.78 -4.37
N LEU A 233 4.68 -17.25 -5.60
CA LEU A 233 4.78 -16.34 -6.74
C LEU A 233 3.55 -15.45 -6.83
N ASN A 234 2.37 -16.04 -6.73
CA ASN A 234 1.16 -15.24 -6.87
C ASN A 234 1.15 -14.11 -5.85
N GLU A 235 1.50 -14.41 -4.60
CA GLU A 235 1.53 -13.37 -3.59
C GLU A 235 2.37 -12.19 -4.05
N LYS A 236 3.51 -12.49 -4.67
CA LYS A 236 4.44 -11.44 -5.08
C LYS A 236 3.82 -10.53 -6.13
N GLN A 237 3.32 -11.11 -7.22
CA GLN A 237 2.71 -10.29 -8.25
C GLN A 237 1.54 -9.50 -7.69
N ILE A 238 0.66 -10.17 -6.94
CA ILE A 238 -0.53 -9.51 -6.41
C ILE A 238 -0.13 -8.30 -5.57
N LEU A 239 0.76 -8.51 -4.59
CA LEU A 239 1.29 -7.38 -3.83
C LEU A 239 1.74 -6.26 -4.75
N GLU A 240 2.20 -6.61 -5.94
CA GLU A 240 2.64 -5.62 -6.91
C GLU A 240 1.47 -4.94 -7.60
N LYS A 241 0.50 -5.73 -8.07
CA LYS A 241 -0.60 -5.19 -8.86
C LYS A 241 -1.45 -4.22 -8.04
N VAL A 242 -1.83 -4.63 -6.83
CA VAL A 242 -2.61 -3.75 -5.97
C VAL A 242 -1.78 -2.55 -5.56
N ASN A 243 -2.38 -1.36 -5.64
CA ASN A 243 -1.75 -0.12 -5.21
C ASN A 243 -2.79 0.65 -4.40
N SER A 244 -2.87 0.30 -3.11
CA SER A 244 -3.91 0.78 -2.22
C SER A 244 -3.29 1.33 -0.94
N GLN A 245 -3.96 2.32 -0.36
CA GLN A 245 -3.51 2.90 0.90
C GLN A 245 -3.70 1.95 2.08
N PHE A 246 -4.52 0.91 1.93
CA PHE A 246 -4.81 -0.01 3.02
C PHE A 246 -4.34 -1.42 2.69
N VAL A 247 -3.29 -1.54 1.88
CA VAL A 247 -2.64 -2.82 1.61
C VAL A 247 -1.14 -2.61 1.56
N VAL A 248 -0.39 -3.56 2.11
CA VAL A 248 1.06 -3.47 2.08
C VAL A 248 1.52 -3.38 0.63
N ASN A 249 2.32 -2.35 0.34
CA ASN A 249 2.91 -2.14 -0.97
C ASN A 249 4.30 -2.76 -1.03
N LEU A 250 4.63 -3.39 -2.15
CA LEU A 250 5.87 -4.12 -2.32
C LEU A 250 6.94 -3.18 -2.85
N ALA A 251 8.12 -3.21 -2.22
CA ALA A 251 9.22 -2.33 -2.59
C ALA A 251 10.40 -3.05 -3.22
N TYR A 252 10.72 -4.26 -2.78
CA TYR A 252 11.81 -5.04 -3.38
C TYR A 252 11.38 -6.50 -3.45
N ALA A 253 12.02 -7.26 -4.33
CA ALA A 253 11.76 -8.70 -4.37
C ALA A 253 12.99 -9.39 -4.93
N TYR A 254 13.76 -10.03 -4.05
CA TYR A 254 15.03 -10.63 -4.44
C TYR A 254 15.12 -12.06 -3.95
N GLU A 255 16.23 -12.69 -4.31
CA GLU A 255 16.56 -14.07 -3.98
C GLU A 255 17.78 -14.08 -3.06
N THR A 256 17.85 -15.06 -2.17
CA THR A 256 19.04 -15.26 -1.36
C THR A 256 19.48 -16.71 -1.51
N LYS A 257 20.65 -17.04 -0.95
CA LYS A 257 21.12 -18.41 -1.01
C LYS A 257 20.03 -19.39 -0.56
N ASP A 258 19.14 -18.96 0.33
CA ASP A 258 18.24 -19.88 1.01
C ASP A 258 16.77 -19.47 0.95
N ALA A 259 16.43 -18.30 0.42
CA ALA A 259 15.04 -17.89 0.44
C ALA A 259 14.79 -16.81 -0.59
N LEU A 260 13.52 -16.69 -0.98
CA LEU A 260 13.03 -15.58 -1.78
C LEU A 260 12.37 -14.59 -0.84
N CYS A 261 12.44 -13.31 -1.17
CA CYS A 261 12.07 -12.30 -0.18
C CYS A 261 11.19 -11.23 -0.79
N LEU A 262 10.22 -10.78 0.01
CA LEU A 262 9.31 -9.70 -0.33
C LEU A 262 9.50 -8.62 0.71
N VAL A 263 9.97 -7.46 0.30
CA VAL A 263 10.19 -6.36 1.21
C VAL A 263 8.97 -5.45 1.17
N LEU A 264 8.24 -5.37 2.27
CA LEU A 264 6.92 -4.75 2.29
C LEU A 264 6.95 -3.58 3.24
N THR A 265 5.91 -2.76 3.18
CA THR A 265 5.81 -1.66 4.11
C THR A 265 5.83 -2.21 5.53
N ILE A 266 6.43 -1.45 6.44
CA ILE A 266 6.64 -1.90 7.81
C ILE A 266 5.51 -1.34 8.67
N MET A 267 4.89 -2.18 9.49
CA MET A 267 3.74 -1.79 10.31
C MET A 267 4.08 -1.93 11.78
N ASN A 268 4.53 -0.83 12.39
CA ASN A 268 5.08 -0.86 13.74
C ASN A 268 4.02 -0.89 14.82
N GLY A 269 2.76 -0.72 14.47
CA GLY A 269 1.72 -0.76 15.46
C GLY A 269 1.32 -2.14 15.91
N GLY A 270 1.84 -3.20 15.28
CA GLY A 270 1.43 -4.55 15.61
C GLY A 270 0.11 -4.95 14.97
N ASP A 271 -0.14 -6.25 14.95
CA ASP A 271 -1.34 -6.74 14.30
C ASP A 271 -2.52 -6.68 15.25
N LEU A 272 -3.72 -6.73 14.67
CA LEU A 272 -4.92 -6.52 15.49
C LEU A 272 -5.20 -7.71 16.39
N LYS A 273 -4.89 -8.93 15.96
CA LYS A 273 -4.98 -10.06 16.86
C LYS A 273 -4.30 -9.73 18.17
N PHE A 274 -3.20 -9.02 18.11
CA PHE A 274 -2.44 -8.69 19.31
C PHE A 274 -3.13 -7.59 20.11
N HIS A 275 -3.69 -6.60 19.43
CA HIS A 275 -4.34 -5.55 20.19
C HIS A 275 -5.63 -6.00 20.84
N ILE A 276 -6.20 -7.11 20.37
CA ILE A 276 -7.46 -7.58 20.91
C ILE A 276 -7.27 -8.44 22.14
N TYR A 277 -6.30 -9.37 22.11
CA TYR A 277 -6.12 -10.35 23.16
C TYR A 277 -4.91 -10.11 24.05
N ASN A 278 -3.85 -9.54 23.52
CA ASN A 278 -2.58 -9.42 24.22
C ASN A 278 -2.34 -8.01 24.73
N MET A 279 -3.39 -7.21 24.75
CA MET A 279 -3.33 -5.91 25.39
C MET A 279 -4.64 -5.65 26.11
N GLY A 280 -4.55 -4.93 27.23
CA GLY A 280 -5.69 -4.60 28.03
C GLY A 280 -6.82 -5.61 27.96
N ASN A 281 -8.03 -5.12 28.16
CA ASN A 281 -9.19 -5.99 28.11
C ASN A 281 -9.38 -6.52 26.70
N PRO A 282 -9.99 -7.70 26.56
CA PRO A 282 -10.21 -8.28 25.23
C PRO A 282 -11.02 -7.33 24.36
N GLY A 283 -10.62 -7.21 23.10
CA GLY A 283 -11.30 -6.29 22.20
C GLY A 283 -11.07 -4.83 22.60
N PHE A 284 -11.76 -3.94 21.87
CA PHE A 284 -11.72 -2.50 22.19
C PHE A 284 -13.07 -1.86 21.86
N GLU A 285 -13.19 -0.59 22.21
CA GLU A 285 -14.47 0.12 22.13
C GLU A 285 -15.00 0.11 20.70
N GLU A 286 -16.31 0.28 20.57
CA GLU A 286 -16.91 0.28 19.24
C GLU A 286 -16.30 1.35 18.35
N GLU A 287 -16.02 2.53 18.93
CA GLU A 287 -15.37 3.58 18.17
C GLU A 287 -14.18 3.05 17.41
N ARG A 288 -13.28 2.36 18.11
CA ARG A 288 -12.10 1.81 17.44
C ARG A 288 -12.48 0.79 16.38
N ALA A 289 -13.43 -0.09 16.68
CA ALA A 289 -13.79 -1.13 15.72
C ALA A 289 -14.30 -0.51 14.43
N LEU A 290 -15.06 0.59 14.53
CA LEU A 290 -15.68 1.17 13.34
C LEU A 290 -14.61 1.71 12.39
N PHE A 291 -13.71 2.54 12.93
CA PHE A 291 -12.69 3.16 12.10
C PHE A 291 -11.89 2.11 11.34
N TYR A 292 -11.41 1.08 12.04
CA TYR A 292 -10.61 0.07 11.37
C TYR A 292 -11.45 -0.73 10.38
N ALA A 293 -12.67 -1.08 10.77
CA ALA A 293 -13.53 -1.84 9.88
C ALA A 293 -13.80 -1.08 8.59
N ALA A 294 -13.93 0.24 8.66
CA ALA A 294 -14.10 1.05 7.47
C ALA A 294 -12.90 0.91 6.54
N GLU A 295 -11.69 1.04 7.09
CA GLU A 295 -10.48 0.92 6.29
C GLU A 295 -10.34 -0.47 5.71
N ILE A 296 -10.67 -1.51 6.48
CA ILE A 296 -10.65 -2.87 5.93
C ILE A 296 -11.61 -2.96 4.75
N LEU A 297 -12.79 -2.39 4.87
CA LEU A 297 -13.72 -2.38 3.76
C LEU A 297 -13.09 -1.73 2.53
N CYS A 298 -12.55 -0.51 2.70
CA CYS A 298 -11.93 0.16 1.58
C CYS A 298 -10.84 -0.70 0.95
N GLY A 299 -10.08 -1.43 1.76
CA GLY A 299 -9.05 -2.29 1.20
C GLY A 299 -9.64 -3.44 0.41
N LEU A 300 -10.76 -3.98 0.87
CA LEU A 300 -11.39 -5.10 0.16
C LEU A 300 -12.02 -4.63 -1.14
N GLU A 301 -12.61 -3.43 -1.14
CA GLU A 301 -13.18 -2.93 -2.38
C GLU A 301 -12.08 -2.71 -3.42
N ASP A 302 -10.94 -2.19 -2.99
CA ASP A 302 -9.82 -2.03 -3.91
C ASP A 302 -9.30 -3.37 -4.40
N LEU A 303 -9.18 -4.37 -3.50
CA LEU A 303 -8.77 -5.70 -3.92
C LEU A 303 -9.74 -6.31 -4.91
N HIS A 304 -11.04 -6.05 -4.74
CA HIS A 304 -12.03 -6.54 -5.67
C HIS A 304 -12.11 -5.71 -6.94
N ARG A 305 -11.79 -4.41 -6.88
CA ARG A 305 -11.70 -3.65 -8.12
C ARG A 305 -10.74 -4.30 -9.09
N GLU A 306 -9.60 -4.77 -8.58
CA GLU A 306 -8.64 -5.58 -9.34
C GLU A 306 -9.15 -6.99 -9.57
N ASN A 307 -10.38 -7.30 -9.20
CA ASN A 307 -10.94 -8.63 -9.41
C ASN A 307 -10.09 -9.69 -8.71
N THR A 308 -9.86 -9.49 -7.41
CA THR A 308 -9.02 -10.38 -6.63
C THR A 308 -9.65 -10.64 -5.27
N VAL A 309 -9.79 -11.92 -4.92
CA VAL A 309 -10.32 -12.33 -3.63
C VAL A 309 -9.17 -12.44 -2.64
N TYR A 310 -9.50 -12.49 -1.35
CA TYR A 310 -8.50 -12.51 -0.28
C TYR A 310 -8.44 -13.84 0.45
N ARG A 311 -9.56 -14.28 1.03
CA ARG A 311 -9.75 -15.60 1.63
C ARG A 311 -8.94 -15.82 2.90
N ASN A 312 -8.22 -14.82 3.38
CA ASN A 312 -7.31 -15.00 4.51
C ASN A 312 -7.53 -13.92 5.57
N LEU A 313 -8.77 -13.50 5.78
CA LEU A 313 -9.06 -12.37 6.65
C LEU A 313 -9.18 -12.84 8.10
N LYS A 314 -8.19 -12.49 8.91
CA LYS A 314 -8.17 -12.70 10.35
C LYS A 314 -7.32 -11.59 10.96
N PRO A 315 -7.54 -11.26 12.24
CA PRO A 315 -6.84 -10.09 12.80
C PRO A 315 -5.33 -10.16 12.69
N GLU A 316 -4.77 -11.37 12.73
CA GLU A 316 -3.33 -11.53 12.67
C GLU A 316 -2.75 -11.06 11.34
N ASN A 317 -3.56 -10.99 10.29
CA ASN A 317 -3.11 -10.53 8.99
C ASN A 317 -3.49 -9.09 8.71
N ILE A 318 -4.17 -8.42 9.63
CA ILE A 318 -4.42 -6.99 9.56
C ILE A 318 -3.47 -6.28 10.51
N LEU A 319 -2.80 -5.25 10.04
CA LEU A 319 -1.73 -4.60 10.77
C LEU A 319 -2.08 -3.15 11.02
N LEU A 320 -1.40 -2.57 11.98
CA LEU A 320 -1.56 -1.17 12.33
C LEU A 320 -0.27 -0.44 12.01
N ASP A 321 -0.38 0.76 11.44
CA ASP A 321 0.81 1.53 11.14
C ASP A 321 1.09 2.52 12.27
N ASP A 322 2.07 3.40 12.05
CA ASP A 322 2.53 4.28 13.12
C ASP A 322 1.44 5.26 13.54
N TYR A 323 0.59 5.66 12.62
CA TYR A 323 -0.36 6.72 12.92
C TYR A 323 -1.72 6.20 13.36
N GLY A 324 -1.98 4.92 13.16
CA GLY A 324 -3.24 4.32 13.52
C GLY A 324 -4.03 3.79 12.35
N HIS A 325 -3.62 4.05 11.12
CA HIS A 325 -4.26 3.43 9.98
C HIS A 325 -3.84 1.96 9.89
N ILE A 326 -4.47 1.23 8.97
CA ILE A 326 -4.25 -0.20 8.91
C ILE A 326 -4.11 -0.63 7.46
N ARG A 327 -3.57 -1.84 7.29
CA ARG A 327 -3.39 -2.41 5.97
C ARG A 327 -3.51 -3.93 6.07
N ILE A 328 -3.84 -4.54 4.95
CA ILE A 328 -3.98 -6.00 4.88
C ILE A 328 -2.64 -6.63 4.56
N SER A 329 -2.38 -7.80 5.11
CA SER A 329 -1.13 -8.49 4.88
C SER A 329 -1.37 -9.97 4.59
N ASP A 330 -0.32 -10.62 4.10
CA ASP A 330 -0.34 -12.03 3.72
C ASP A 330 -1.41 -12.30 2.66
N LEU A 331 -1.14 -11.80 1.47
CA LEU A 331 -2.02 -12.01 0.32
C LEU A 331 -1.67 -13.28 -0.43
N GLY A 332 -0.98 -14.20 0.24
CA GLY A 332 -0.61 -15.46 -0.36
C GLY A 332 -1.77 -16.40 -0.62
N LEU A 333 -2.93 -16.15 -0.04
CA LEU A 333 -4.12 -16.96 -0.27
C LEU A 333 -5.06 -16.35 -1.31
N ALA A 334 -4.67 -15.23 -1.91
CA ALA A 334 -5.52 -14.55 -2.87
C ALA A 334 -5.24 -15.06 -4.29
N VAL A 335 -6.28 -15.04 -5.12
CA VAL A 335 -6.14 -15.41 -6.53
C VAL A 335 -7.02 -14.46 -7.33
N LYS A 336 -6.54 -14.10 -8.53
CA LYS A 336 -7.35 -13.34 -9.45
C LYS A 336 -8.32 -14.26 -10.18
N ILE A 337 -9.57 -13.85 -10.24
CA ILE A 337 -10.68 -14.69 -10.73
C ILE A 337 -10.83 -14.46 -12.24
N PRO A 338 -10.93 -15.50 -13.05
CA PRO A 338 -11.41 -15.32 -14.43
C PRO A 338 -12.88 -14.94 -14.43
N GLU A 339 -13.21 -13.88 -15.17
CA GLU A 339 -14.51 -13.25 -15.01
C GLU A 339 -15.64 -14.20 -15.40
N GLY A 340 -16.64 -14.32 -14.54
CA GLY A 340 -17.76 -15.20 -14.81
C GLY A 340 -17.57 -16.65 -14.41
N ASP A 341 -16.72 -16.92 -13.43
CA ASP A 341 -16.40 -18.29 -13.03
C ASP A 341 -16.16 -18.34 -11.54
N LEU A 342 -16.39 -19.51 -10.95
CA LEU A 342 -16.18 -19.75 -9.53
C LEU A 342 -15.07 -20.78 -9.34
N ILE A 343 -14.42 -20.72 -8.18
CA ILE A 343 -13.28 -21.58 -7.88
C ILE A 343 -13.60 -22.44 -6.66
N ARG A 344 -13.14 -23.68 -6.69
CA ARG A 344 -13.25 -24.60 -5.57
C ARG A 344 -11.89 -24.68 -4.85
N GLY A 345 -11.87 -24.27 -3.59
CA GLY A 345 -10.65 -24.32 -2.81
C GLY A 345 -10.93 -24.48 -1.33
N ARG A 346 -10.50 -25.60 -0.76
CA ARG A 346 -10.64 -25.86 0.68
C ARG A 346 -9.47 -25.26 1.46
N VAL A 347 -9.21 -23.98 1.22
CA VAL A 347 -8.10 -23.28 1.83
C VAL A 347 -8.66 -22.22 2.79
N GLY A 348 -7.79 -21.78 3.70
CA GLY A 348 -8.13 -20.81 4.71
C GLY A 348 -7.70 -21.28 6.09
N THR A 349 -7.95 -20.41 7.07
CA THR A 349 -7.67 -20.69 8.47
C THR A 349 -8.96 -21.11 9.19
N VAL A 350 -8.80 -21.94 10.20
CA VAL A 350 -9.96 -22.55 10.84
C VAL A 350 -10.76 -21.46 11.53
N GLY A 351 -12.06 -21.43 11.26
CA GLY A 351 -12.96 -20.47 11.88
C GLY A 351 -13.05 -19.13 11.19
N TYR A 352 -12.31 -18.94 10.10
CA TYR A 352 -12.33 -17.73 9.30
C TYR A 352 -12.71 -18.05 7.87
N MET A 353 -13.27 -19.23 7.64
CA MET A 353 -13.68 -19.72 6.34
C MET A 353 -15.18 -19.51 6.19
N ALA A 354 -15.58 -19.08 5.01
CA ALA A 354 -16.98 -18.97 4.68
C ALA A 354 -17.58 -20.36 4.48
N PRO A 355 -18.89 -20.49 4.64
CA PRO A 355 -19.52 -21.80 4.42
C PRO A 355 -19.24 -22.38 3.05
N GLU A 356 -19.15 -21.55 2.00
CA GLU A 356 -18.83 -22.08 0.68
C GLU A 356 -17.44 -22.71 0.67
N VAL A 357 -16.46 -22.04 1.28
CA VAL A 357 -15.10 -22.56 1.29
C VAL A 357 -14.96 -23.78 2.18
N LEU A 358 -15.82 -23.94 3.19
CA LEU A 358 -15.79 -25.13 4.02
C LEU A 358 -16.40 -26.35 3.33
N ASN A 359 -17.32 -26.15 2.39
CA ASN A 359 -17.96 -27.25 1.69
C ASN A 359 -17.28 -27.59 0.37
N ASN A 360 -16.10 -27.03 0.08
CA ASN A 360 -15.40 -27.29 -1.18
C ASN A 360 -16.35 -26.91 -2.34
N GLN A 361 -17.16 -25.85 -2.14
CA GLN A 361 -18.15 -25.38 -3.11
C GLN A 361 -17.59 -24.19 -3.87
N ARG A 362 -18.02 -24.03 -5.13
CA ARG A 362 -17.51 -22.95 -5.95
C ARG A 362 -18.02 -21.61 -5.42
N TYR A 363 -17.17 -20.58 -5.49
CA TYR A 363 -17.47 -19.30 -4.88
C TYR A 363 -16.81 -18.22 -5.71
N GLY A 364 -17.15 -16.98 -5.40
CA GLY A 364 -16.52 -15.85 -6.06
C GLY A 364 -15.96 -14.88 -5.04
N LEU A 365 -16.42 -13.63 -5.06
CA LEU A 365 -15.99 -12.63 -4.09
C LEU A 365 -16.75 -12.72 -2.77
N SER A 366 -17.50 -13.77 -2.54
CA SER A 366 -18.37 -13.80 -1.38
C SER A 366 -17.56 -13.96 -0.10
N PRO A 367 -16.66 -14.95 0.00
CA PRO A 367 -16.04 -15.24 1.31
C PRO A 367 -15.35 -14.05 1.95
N ASP A 368 -15.05 -12.98 1.20
CA ASP A 368 -14.42 -11.82 1.79
C ASP A 368 -15.38 -11.08 2.73
N TYR A 369 -16.63 -10.88 2.31
CA TYR A 369 -17.61 -10.25 3.18
C TYR A 369 -17.95 -11.13 4.39
N TRP A 370 -17.80 -12.45 4.28
CA TRP A 370 -17.92 -13.30 5.46
C TRP A 370 -16.82 -12.99 6.45
N GLY A 371 -15.61 -12.75 5.97
CA GLY A 371 -14.52 -12.42 6.87
C GLY A 371 -14.69 -11.07 7.53
N LEU A 372 -15.14 -10.07 6.77
CA LEU A 372 -15.36 -8.75 7.32
C LEU A 372 -16.27 -8.81 8.53
N GLY A 373 -17.35 -9.60 8.44
CA GLY A 373 -18.19 -9.78 9.60
C GLY A 373 -17.47 -10.51 10.72
N CYS A 374 -16.64 -11.50 10.36
CA CYS A 374 -15.90 -12.26 11.36
C CYS A 374 -15.04 -11.33 12.20
N LEU A 375 -14.41 -10.34 11.55
CA LEU A 375 -13.49 -9.47 12.28
C LEU A 375 -14.26 -8.45 13.12
N ILE A 376 -15.33 -7.89 12.58
CA ILE A 376 -16.06 -6.84 13.29
C ILE A 376 -16.63 -7.41 14.58
N TYR A 377 -17.21 -8.60 14.52
CA TYR A 377 -17.70 -9.26 15.72
C TYR A 377 -16.57 -9.43 16.74
N GLU A 378 -15.42 -9.91 16.28
CA GLU A 378 -14.32 -10.25 17.17
C GLU A 378 -13.71 -9.02 17.83
N MET A 379 -13.61 -7.92 17.07
CA MET A 379 -13.05 -6.70 17.65
C MET A 379 -13.90 -6.21 18.81
N ILE A 380 -15.22 -6.33 18.69
CA ILE A 380 -16.15 -5.75 19.67
C ILE A 380 -16.51 -6.76 20.75
N GLU A 381 -16.79 -8.00 20.35
CA GLU A 381 -17.09 -9.03 21.33
C GLU A 381 -15.87 -9.56 22.04
N GLY A 382 -14.68 -9.48 21.44
CA GLY A 382 -13.48 -9.96 22.11
C GLY A 382 -13.26 -11.45 21.95
N GLN A 383 -13.90 -12.05 20.96
CA GLN A 383 -13.73 -13.48 20.69
C GLN A 383 -14.28 -13.75 19.28
N SER A 384 -13.85 -14.88 18.71
CA SER A 384 -14.41 -15.30 17.43
C SER A 384 -15.93 -15.46 17.57
N PRO A 385 -16.70 -15.18 16.51
CA PRO A 385 -18.15 -15.39 16.59
C PRO A 385 -18.55 -16.85 16.67
N PHE A 386 -17.61 -17.79 16.42
CA PHE A 386 -17.90 -19.21 16.50
C PHE A 386 -16.88 -20.00 17.32
N ARG A 387 -15.98 -19.35 18.04
CA ARG A 387 -14.98 -20.03 18.86
C ARG A 387 -14.62 -19.12 20.02
N GLY A 388 -14.33 -19.75 21.17
CA GLY A 388 -13.96 -19.04 22.37
C GLY A 388 -12.64 -18.28 22.33
N ARG A 389 -12.11 -17.96 23.49
CA ARG A 389 -10.85 -17.23 23.56
C ARG A 389 -9.64 -18.16 23.49
N LYS A 390 -9.42 -18.95 24.55
CA LYS A 390 -8.44 -20.02 24.53
C LYS A 390 -9.08 -21.37 24.28
N GLU A 391 -10.32 -21.39 23.80
CA GLU A 391 -11.10 -22.61 23.63
C GLU A 391 -10.37 -23.61 22.74
N LYS A 392 -10.11 -24.79 23.29
CA LYS A 392 -9.58 -25.90 22.53
C LYS A 392 -10.74 -26.63 21.89
N VAL A 393 -10.88 -26.49 20.57
CA VAL A 393 -11.90 -27.19 19.80
C VAL A 393 -11.23 -27.87 18.62
N LYS A 394 -11.50 -29.17 18.47
CA LYS A 394 -11.11 -29.86 17.26
C LYS A 394 -11.85 -29.26 16.09
N ARG A 395 -11.13 -29.03 15.00
CA ARG A 395 -11.62 -28.29 13.84
C ARG A 395 -13.01 -28.73 13.40
N GLU A 396 -13.28 -30.02 13.47
CA GLU A 396 -14.53 -30.55 12.92
C GLU A 396 -15.75 -29.81 13.46
N GLU A 397 -15.74 -29.46 14.75
CA GLU A 397 -16.88 -28.80 15.37
C GLU A 397 -17.00 -27.35 14.91
N VAL A 398 -15.93 -26.57 15.09
CA VAL A 398 -15.91 -25.21 14.54
C VAL A 398 -16.45 -25.22 13.13
N ASP A 399 -15.95 -26.12 12.28
CA ASP A 399 -16.53 -26.33 10.96
C ASP A 399 -18.04 -26.47 11.03
N ARG A 400 -18.51 -27.42 11.85
CA ARG A 400 -19.95 -27.61 12.01
C ARG A 400 -20.63 -26.31 12.43
N ARG A 401 -20.08 -25.65 13.45
CA ARG A 401 -20.73 -24.47 14.01
C ARG A 401 -20.91 -23.39 12.94
N VAL A 402 -19.89 -23.17 12.11
CA VAL A 402 -19.97 -22.12 11.11
C VAL A 402 -21.11 -22.36 10.15
N LEU A 403 -21.44 -23.63 9.90
CA LEU A 403 -22.44 -23.98 8.90
C LEU A 403 -23.83 -24.11 9.51
N GLU A 404 -23.90 -24.74 10.68
CA GLU A 404 -25.18 -25.00 11.35
C GLU A 404 -25.60 -23.85 12.26
N THR A 405 -24.80 -23.57 13.29
CA THR A 405 -25.17 -22.66 14.36
C THR A 405 -24.95 -21.22 13.93
N GLU A 406 -25.74 -20.34 14.51
CA GLU A 406 -25.62 -18.91 14.29
C GLU A 406 -24.91 -18.26 15.47
N GLU A 407 -24.39 -17.06 15.20
CA GLU A 407 -23.59 -16.33 16.18
C GLU A 407 -24.47 -15.76 17.29
N VAL A 408 -23.83 -15.26 18.35
CA VAL A 408 -24.51 -14.77 19.53
C VAL A 408 -23.93 -13.42 19.90
N TYR A 409 -24.81 -12.44 20.12
CA TYR A 409 -24.40 -11.08 20.41
C TYR A 409 -24.71 -10.74 21.86
N SER A 410 -24.03 -9.72 22.37
CA SER A 410 -24.18 -9.26 23.75
C SER A 410 -24.53 -7.78 23.77
N HIS A 411 -24.64 -7.23 24.99
CA HIS A 411 -24.96 -5.81 25.15
C HIS A 411 -23.84 -4.92 24.62
N LYS A 412 -22.65 -5.47 24.43
CA LYS A 412 -21.54 -4.71 23.89
C LYS A 412 -21.79 -4.27 22.46
N PHE A 413 -22.62 -5.00 21.72
CA PHE A 413 -22.95 -4.65 20.35
C PHE A 413 -24.03 -3.58 20.32
N SER A 414 -23.76 -2.50 19.61
CA SER A 414 -24.80 -1.52 19.33
C SER A 414 -25.76 -2.11 18.31
N GLU A 415 -26.95 -1.52 18.23
CA GLU A 415 -27.96 -1.96 17.28
C GLU A 415 -27.36 -2.09 15.87
N GLU A 416 -26.58 -1.09 15.46
CA GLU A 416 -25.98 -1.14 14.13
C GLU A 416 -24.91 -2.21 14.05
N ALA A 417 -24.07 -2.32 15.09
CA ALA A 417 -23.01 -3.32 15.07
C ALA A 417 -23.60 -4.72 15.00
N LYS A 418 -24.66 -4.97 15.76
CA LYS A 418 -25.31 -6.27 15.72
C LYS A 418 -25.84 -6.56 14.32
N SER A 419 -26.35 -5.54 13.63
CA SER A 419 -27.04 -5.79 12.37
C SER A 419 -26.06 -6.11 11.25
N ILE A 420 -24.99 -5.32 11.15
CA ILE A 420 -24.05 -5.44 10.03
C ILE A 420 -23.33 -6.78 10.12
N CYS A 421 -23.19 -7.32 11.34
CA CYS A 421 -22.60 -8.64 11.49
C CYS A 421 -23.47 -9.72 10.86
N LYS A 422 -24.72 -9.80 11.32
CA LYS A 422 -25.62 -10.83 10.83
C LYS A 422 -25.80 -10.78 9.32
N MET A 423 -25.90 -9.58 8.77
CA MET A 423 -26.07 -9.45 7.33
C MET A 423 -24.83 -9.88 6.58
N LEU A 424 -23.64 -9.70 7.18
CA LEU A 424 -22.40 -10.20 6.62
C LEU A 424 -22.16 -11.66 6.97
N LEU A 425 -22.72 -12.12 8.09
CA LEU A 425 -22.56 -13.50 8.55
C LEU A 425 -23.77 -14.34 8.18
N THR A 426 -24.18 -14.24 6.91
CA THR A 426 -25.33 -14.99 6.41
C THR A 426 -24.81 -16.26 5.75
N LYS A 427 -25.41 -17.40 6.10
CA LYS A 427 -24.95 -18.68 5.57
C LYS A 427 -25.18 -18.76 4.05
N ASP A 428 -26.27 -18.18 3.57
CA ASP A 428 -26.60 -18.21 2.15
C ASP A 428 -25.78 -17.13 1.44
N ALA A 429 -24.84 -17.54 0.61
CA ALA A 429 -24.02 -16.57 -0.12
C ALA A 429 -24.85 -15.67 -1.02
N LYS A 430 -26.00 -16.15 -1.49
CA LYS A 430 -26.86 -15.34 -2.33
C LYS A 430 -27.36 -14.09 -1.61
N GLN A 431 -27.68 -14.22 -0.32
CA GLN A 431 -28.25 -13.13 0.47
C GLN A 431 -27.23 -12.67 1.50
N ARG A 432 -25.99 -12.49 1.07
CA ARG A 432 -24.93 -11.94 1.92
C ARG A 432 -24.67 -10.49 1.55
N LEU A 433 -24.59 -9.65 2.58
CA LEU A 433 -24.37 -8.22 2.37
C LEU A 433 -23.08 -8.00 1.58
N GLY A 434 -23.17 -7.15 0.56
CA GLY A 434 -22.07 -6.86 -0.34
C GLY A 434 -21.87 -7.88 -1.44
N CYS A 435 -22.21 -9.15 -1.20
CA CYS A 435 -22.10 -10.20 -2.20
C CYS A 435 -23.14 -10.08 -3.31
N GLN A 436 -24.02 -9.08 -3.23
CA GLN A 436 -24.91 -8.74 -4.33
C GLN A 436 -24.13 -7.99 -5.40
N GLU A 437 -24.80 -7.63 -6.49
CA GLU A 437 -24.14 -6.86 -7.53
C GLU A 437 -23.66 -5.49 -7.05
N GLU A 438 -24.28 -4.94 -6.00
CA GLU A 438 -23.83 -3.68 -5.43
C GLU A 438 -22.37 -3.76 -5.04
N GLY A 439 -21.97 -4.86 -4.40
CA GLY A 439 -20.60 -5.06 -3.96
C GLY A 439 -20.32 -4.40 -2.62
N ALA A 440 -19.13 -3.80 -2.48
CA ALA A 440 -18.79 -3.10 -1.24
C ALA A 440 -19.64 -1.86 -1.01
N ALA A 441 -20.31 -1.34 -2.04
CA ALA A 441 -21.21 -0.19 -1.82
C ALA A 441 -22.29 -0.53 -0.80
N GLU A 442 -22.90 -1.72 -0.92
CA GLU A 442 -23.98 -2.13 -0.03
C GLU A 442 -23.53 -2.13 1.42
N VAL A 443 -22.25 -2.40 1.67
CA VAL A 443 -21.76 -2.37 3.04
C VAL A 443 -21.47 -0.93 3.48
N LYS A 444 -20.99 -0.08 2.57
CA LYS A 444 -20.67 1.31 2.91
C LYS A 444 -21.87 2.08 3.45
N ARG A 445 -23.06 1.48 3.37
CA ARG A 445 -24.30 2.16 3.73
C ARG A 445 -24.74 1.82 5.14
N HIS A 446 -24.70 0.54 5.48
CA HIS A 446 -25.18 0.07 6.76
C HIS A 446 -24.97 1.13 7.84
N PRO A 447 -26.00 1.46 8.62
CA PRO A 447 -25.81 2.52 9.61
C PRO A 447 -24.67 2.24 10.57
N PHE A 448 -24.21 1.00 10.72
CA PHE A 448 -22.98 0.77 11.48
C PHE A 448 -21.92 1.80 11.10
N PHE A 449 -21.65 1.96 9.79
CA PHE A 449 -20.79 3.03 9.29
C PHE A 449 -21.56 4.34 9.15
N ARG A 450 -22.32 4.73 10.15
CA ARG A 450 -22.92 6.06 10.13
C ARG A 450 -21.84 7.11 10.46
N ASN A 451 -22.08 8.35 10.07
CA ASN A 451 -21.14 9.43 10.40
C ASN A 451 -19.71 8.99 10.10
N MET A 452 -19.59 8.09 9.13
CA MET A 452 -18.33 7.57 8.62
C MET A 452 -18.23 7.99 7.15
N ASN A 453 -17.68 9.17 6.93
CA ASN A 453 -17.54 9.67 5.57
C ASN A 453 -16.47 8.89 4.82
N PHE A 454 -16.89 7.85 4.09
CA PHE A 454 -15.92 6.95 3.45
C PHE A 454 -15.04 7.71 2.46
N LYS A 455 -15.61 8.65 1.71
CA LYS A 455 -14.80 9.44 0.80
C LYS A 455 -13.70 10.19 1.56
N ARG A 456 -14.00 10.67 2.76
CA ARG A 456 -13.02 11.37 3.58
C ARG A 456 -12.03 10.42 4.26
N LEU A 457 -12.44 9.17 4.49
CA LEU A 457 -11.54 8.15 5.04
C LEU A 457 -10.53 7.69 4.00
N GLU A 458 -11.02 7.34 2.81
CA GLU A 458 -10.15 6.95 1.71
C GLU A 458 -9.12 8.02 1.36
N ALA A 459 -9.39 9.28 1.72
CA ALA A 459 -8.38 10.32 1.56
C ALA A 459 -7.31 10.22 2.66
N GLY A 460 -7.71 9.85 3.87
CA GLY A 460 -6.84 9.84 5.01
C GLY A 460 -6.97 11.03 5.93
N MET A 461 -8.08 11.77 5.86
CA MET A 461 -8.29 12.97 6.63
C MET A 461 -9.02 12.70 7.94
N LEU A 462 -9.25 11.44 8.28
CA LEU A 462 -9.84 11.02 9.54
C LEU A 462 -8.73 10.50 10.44
N ASP A 463 -8.59 11.11 11.60
CA ASP A 463 -7.54 10.70 12.52
C ASP A 463 -7.90 9.36 13.13
N PRO A 464 -7.00 8.37 13.13
CA PRO A 464 -7.25 7.11 13.86
C PRO A 464 -7.64 7.38 15.29
N PRO A 465 -8.53 6.57 15.86
CA PRO A 465 -8.94 6.78 17.26
C PRO A 465 -7.84 6.41 18.22
N PHE A 466 -7.14 5.33 17.89
CA PHE A 466 -6.02 4.84 18.67
C PHE A 466 -4.72 5.07 17.91
N VAL A 467 -3.77 5.73 18.56
CA VAL A 467 -2.46 6.08 18.04
C VAL A 467 -1.43 5.21 18.75
N PRO A 468 -0.75 4.28 18.07
CA PRO A 468 0.28 3.50 18.76
C PRO A 468 1.45 4.38 19.17
N ASP A 469 1.96 4.14 20.38
CA ASP A 469 3.03 4.96 20.91
C ASP A 469 4.33 4.58 20.22
N PRO A 470 5.13 5.55 19.77
CA PRO A 470 6.33 5.18 19.00
C PRO A 470 7.29 4.29 19.77
N ARG A 471 7.33 4.41 21.11
CA ARG A 471 8.25 3.61 21.92
C ARG A 471 7.65 2.29 22.35
N ALA A 472 6.80 1.69 21.55
CA ALA A 472 6.18 0.42 21.89
C ALA A 472 6.28 -0.51 20.69
N VAL A 473 6.65 -1.76 20.95
CA VAL A 473 6.61 -2.83 19.97
C VAL A 473 5.38 -3.66 20.27
N TYR A 474 4.31 -3.47 19.50
CA TYR A 474 3.03 -4.10 19.78
C TYR A 474 3.00 -5.48 19.12
N CYS A 475 3.89 -6.33 19.60
CA CYS A 475 4.07 -7.65 19.03
C CYS A 475 4.50 -8.59 20.15
N LYS A 476 4.23 -9.87 19.95
CA LYS A 476 4.73 -10.90 20.84
C LYS A 476 6.25 -10.77 20.93
N ASP A 477 6.78 -11.08 22.11
CA ASP A 477 8.22 -10.98 22.29
C ASP A 477 8.92 -12.01 21.42
N VAL A 478 10.17 -11.71 21.09
CA VAL A 478 10.88 -12.48 20.07
C VAL A 478 11.02 -13.93 20.48
N LEU A 479 11.13 -14.20 21.77
CA LEU A 479 11.24 -15.57 22.24
C LEU A 479 9.90 -16.28 22.35
N ASP A 480 8.80 -15.56 22.16
CA ASP A 480 7.46 -16.14 22.18
C ASP A 480 6.90 -16.37 20.78
N ILE A 481 7.71 -16.24 19.75
CA ILE A 481 7.23 -16.39 18.38
C ILE A 481 7.40 -17.85 17.96
N GLU A 482 6.31 -18.45 17.49
CA GLU A 482 6.34 -19.84 17.05
C GLU A 482 7.42 -20.06 16.01
N GLN A 483 7.96 -21.27 15.98
CA GLN A 483 8.93 -21.68 14.98
C GLN A 483 8.41 -22.90 14.20
N PHE A 484 9.08 -23.17 13.08
CA PHE A 484 8.78 -24.31 12.24
C PHE A 484 9.57 -25.54 12.71
N SER A 485 9.23 -26.70 12.13
CA SER A 485 10.03 -27.91 12.30
C SER A 485 11.06 -27.97 11.17
N THR A 486 12.03 -27.05 11.23
CA THR A 486 13.03 -26.84 10.20
C THR A 486 13.06 -27.95 9.16
N VAL A 487 12.73 -27.63 7.91
CA VAL A 487 12.67 -28.66 6.88
C VAL A 487 14.10 -29.02 6.49
N LYS A 488 14.36 -30.32 6.40
CA LYS A 488 15.70 -30.78 6.05
C LYS A 488 15.56 -32.00 5.14
N GLY A 489 16.68 -32.34 4.49
CA GLY A 489 16.72 -33.44 3.55
C GLY A 489 16.12 -33.16 2.19
N VAL A 490 15.68 -31.94 1.91
CA VAL A 490 15.27 -31.51 0.57
C VAL A 490 16.50 -30.94 -0.14
N ASN A 491 16.60 -31.17 -1.46
CA ASN A 491 17.72 -30.63 -2.23
C ASN A 491 17.22 -29.86 -3.43
N LEU A 492 17.53 -28.56 -3.47
CA LEU A 492 17.05 -27.69 -4.52
C LEU A 492 17.76 -28.01 -5.83
N ASP A 493 16.98 -28.31 -6.87
CA ASP A 493 17.51 -28.59 -8.19
C ASP A 493 17.52 -27.32 -9.05
N HIS A 494 18.25 -27.41 -10.16
CA HIS A 494 18.31 -26.30 -11.09
C HIS A 494 16.97 -26.07 -11.79
N THR A 495 16.07 -27.05 -11.77
CA THR A 495 14.75 -26.86 -12.36
C THR A 495 14.02 -25.66 -11.77
N ASP A 496 14.37 -25.29 -10.54
CA ASP A 496 13.70 -24.19 -9.86
C ASP A 496 14.39 -22.85 -10.06
N ASP A 497 15.60 -22.84 -10.63
CA ASP A 497 16.29 -21.57 -10.81
C ASP A 497 15.49 -20.64 -11.72
N ASP A 498 14.68 -21.18 -12.63
CA ASP A 498 13.81 -20.34 -13.43
C ASP A 498 12.83 -19.58 -12.55
N PHE A 499 12.03 -20.29 -11.76
CA PHE A 499 11.09 -19.63 -10.88
C PHE A 499 11.79 -18.61 -9.98
N TYR A 500 12.91 -19.00 -9.36
CA TYR A 500 13.67 -18.04 -8.57
C TYR A 500 14.00 -16.78 -9.36
N SER A 501 14.34 -16.94 -10.65
CA SER A 501 14.63 -15.80 -11.50
C SER A 501 13.37 -14.95 -11.74
N LYS A 502 12.27 -15.60 -12.09
CA LYS A 502 11.02 -14.89 -12.30
C LYS A 502 10.60 -14.13 -11.05
N PHE A 503 10.76 -14.75 -9.89
CA PHE A 503 10.36 -14.11 -8.65
C PHE A 503 11.23 -12.91 -8.36
N SER A 504 12.55 -13.06 -8.51
CA SER A 504 13.50 -12.04 -8.09
C SER A 504 13.59 -10.99 -9.18
N THR A 505 12.69 -10.01 -9.10
CA THR A 505 12.61 -8.92 -10.05
C THR A 505 13.23 -7.64 -9.53
N GLY A 506 13.96 -7.71 -8.43
CA GLY A 506 14.71 -6.57 -7.95
C GLY A 506 13.85 -5.53 -7.27
N SER A 507 14.20 -4.27 -7.45
CA SER A 507 13.44 -3.19 -6.85
C SER A 507 12.17 -2.92 -7.66
N VAL A 508 11.17 -2.39 -6.99
CA VAL A 508 9.97 -1.90 -7.66
C VAL A 508 10.17 -0.43 -7.97
N SER A 509 9.92 -0.06 -9.23
CA SER A 509 10.39 1.22 -9.75
C SER A 509 9.87 2.39 -8.93
N ILE A 510 8.55 2.56 -8.88
CA ILE A 510 7.99 3.71 -8.19
C ILE A 510 8.29 3.69 -6.70
N PRO A 511 8.18 2.56 -6.01
CA PRO A 511 8.50 2.59 -4.57
C PRO A 511 9.93 2.98 -4.27
N TRP A 512 10.89 2.42 -5.02
CA TRP A 512 12.29 2.75 -4.80
C TRP A 512 12.47 4.26 -4.83
N GLN A 513 11.87 4.92 -5.82
CA GLN A 513 12.02 6.36 -5.94
C GLN A 513 11.50 7.07 -4.71
N ASN A 514 10.37 6.61 -4.19
CA ASN A 514 9.82 7.24 -3.00
C ASN A 514 10.80 7.14 -1.84
N GLU A 515 11.49 6.00 -1.73
CA GLU A 515 12.47 5.85 -0.67
C GLU A 515 13.56 6.90 -0.78
N MET A 516 14.10 7.12 -1.99
CA MET A 516 15.12 8.15 -2.19
C MET A 516 14.59 9.54 -1.89
N ILE A 517 13.33 9.80 -2.25
CA ILE A 517 12.68 11.06 -1.91
C ILE A 517 12.42 11.13 -0.41
N GLU A 518 11.83 10.07 0.14
CA GLU A 518 11.44 10.09 1.54
C GLU A 518 12.65 10.18 2.45
N THR A 519 13.68 9.38 2.19
CA THR A 519 14.88 9.38 2.99
C THR A 519 15.72 10.64 2.79
N GLU A 520 15.24 11.59 1.99
CA GLU A 520 15.96 12.80 1.61
C GLU A 520 17.22 12.51 0.82
N CYS A 521 17.44 11.25 0.43
CA CYS A 521 18.55 10.93 -0.47
C CYS A 521 18.42 11.68 -1.78
N PHE A 522 17.22 11.66 -2.38
CA PHE A 522 16.99 12.42 -3.60
C PHE A 522 17.20 13.91 -3.37
N LYS A 523 16.75 14.43 -2.23
CA LYS A 523 16.89 15.86 -1.96
C LYS A 523 18.37 16.24 -1.90
N GLU A 524 19.16 15.48 -1.15
CA GLU A 524 20.56 15.81 -0.97
C GLU A 524 21.37 15.58 -2.25
N LEU A 525 21.06 14.51 -2.97
CA LEU A 525 21.83 14.13 -4.15
C LEU A 525 21.44 14.91 -5.40
N ASN A 526 20.15 15.24 -5.56
CA ASN A 526 19.67 15.86 -6.80
C ASN A 526 20.00 17.34 -6.78
N VAL A 527 21.26 17.63 -7.12
CA VAL A 527 21.76 18.99 -7.21
C VAL A 527 22.48 19.15 -8.54
N PHE A 528 22.71 20.40 -8.92
CA PHE A 528 23.27 20.73 -10.21
C PHE A 528 24.34 21.80 -10.00
N GLY A 529 25.10 22.06 -11.06
CA GLY A 529 26.13 23.08 -11.04
C GLY A 529 25.58 24.44 -10.66
N PRO A 530 26.47 25.39 -10.34
CA PRO A 530 26.01 26.72 -9.95
C PRO A 530 25.26 27.39 -11.08
N ASN A 531 24.35 28.31 -10.72
CA ASN A 531 23.53 29.03 -11.70
C ASN A 531 22.75 28.08 -12.59
N GLY A 532 22.42 26.89 -12.07
CA GLY A 532 21.64 25.94 -12.82
C GLY A 532 22.37 25.39 -14.04
N THR A 533 23.64 25.03 -13.86
CA THR A 533 24.49 24.58 -14.95
C THR A 533 24.76 23.09 -14.84
N LEU A 534 25.24 22.53 -15.94
CA LEU A 534 25.53 21.11 -16.00
C LEU A 534 26.57 20.74 -14.94
N PRO A 535 26.30 19.76 -14.07
CA PRO A 535 27.36 19.21 -13.22
C PRO A 535 28.28 18.30 -14.01
N PRO A 536 29.39 17.86 -13.42
CA PRO A 536 30.36 17.07 -14.21
C PRO A 536 29.82 15.73 -14.69
N ASP A 537 28.96 15.10 -13.89
CA ASP A 537 28.41 13.80 -14.26
C ASP A 537 27.53 13.85 -15.51
N LEU A 538 27.05 15.03 -15.89
CA LEU A 538 26.17 15.19 -17.03
C LEU A 538 26.84 15.84 -18.23
N ASN A 539 28.03 16.41 -18.06
CA ASN A 539 28.77 17.07 -19.13
C ASN A 539 29.57 16.02 -19.88
N ARG A 540 29.16 15.73 -21.12
CA ARG A 540 29.86 14.77 -21.96
C ARG A 540 30.87 15.44 -22.88
N ASN A 541 31.11 16.73 -22.73
CA ASN A 541 32.12 17.42 -23.53
C ASN A 541 33.53 17.24 -22.96
N HIS A 542 33.66 17.22 -21.64
CA HIS A 542 34.92 17.15 -20.95
C HIS A 542 34.57 16.79 -19.51
N PRO A 543 35.52 16.74 -18.57
CA PRO A 543 35.10 16.38 -17.21
C PRO A 543 33.96 17.24 -16.68
N1 SGV B . 4.39 -5.36 8.54
C2 SGV B . 4.47 -5.48 9.86
N3 SGV B . 4.25 -6.63 10.49
C4 SGV B . 3.94 -7.74 9.77
C5 SGV B . 3.84 -7.68 8.39
C6 SGV B . 4.09 -6.42 7.78
N6 SGV B . 4.00 -6.31 6.34
C7 SGV B . 3.50 -8.99 7.93
C8 SGV B . 3.42 -9.78 9.09
N9 SGV B . 3.67 -9.04 10.15
C1' SGV B . 3.64 -9.52 11.54
C10 SGV B . 3.27 -9.52 6.46
N11 SGV B . 4.03 -9.04 5.36
O12 SGV B . 2.42 -10.34 6.27
C2' SGV B . 2.21 -9.56 12.07
O2' SGV B . 2.24 -9.52 13.48
C3' SGV B . 1.77 -10.94 11.57
O3' SGV B . 0.65 -11.43 12.29
C4' SGV B . 3.02 -11.77 11.77
O4' SGV B . 4.11 -10.85 11.55
C5' SGV B . 3.24 -12.95 10.87
O5' SGV B . 2.58 -12.81 9.62
H2 SGV B . 4.73 -4.60 10.45
HN6 SGV B . 4.81 -6.24 5.79
HN6A SGV B . 3.09 -6.31 5.90
H8 SGV B . 3.17 -10.83 9.11
H1' SGV B . 4.29 -8.88 12.21
HN11 SGV B . 3.85 -9.40 4.44
HN1A SGV B . 4.74 -8.37 5.49
H2' SGV B . 1.62 -8.78 11.66
HO2' SGV B . 1.69 -8.85 13.78
H3' SGV B . 1.54 -10.89 10.52
HO3' SGV B . 0.40 -12.19 11.88
H4' SGV B . 2.99 -12.13 12.85
H5' SGV B . 4.30 -13.05 10.68
H5'A SGV B . 2.87 -13.83 11.35
HO5' SGV B . 2.09 -13.61 9.43
K K C . -7.77 -3.89 24.05
#